data_1Z40
#
_entry.id   1Z40
#
_cell.length_a   54.124
_cell.length_b   54.124
_cell.length_c   214.144
_cell.angle_alpha   90.00
_cell.angle_beta   90.00
_cell.angle_gamma   120.00
#
_symmetry.space_group_name_H-M   'P 31'
#
loop_
_entity.id
_entity.type
_entity.pdbx_description
1 polymer 'apical membrane antigen 1 precursor'
2 non-polymer 'CHLORIDE ION'
3 water water
#
_entity_poly.entity_id   1
_entity_poly.type   'polypeptide(L)'
_entity_poly.pdbx_seq_one_letter_code
;GNYMGNPWTEYMAKYDIEEVHGSGIRVDLGEDAEVAGTQYRLPSGKCPVFGKGIIIENSNTTFLTPVATGNQYLKDGGFA
FPPTEPLMSPMTLDEMRHFYKDNKYVKNLDELTLCSRHAGNMIPDNDKNSNYKYPAVYDDKDKKCHILYIAAQENNGPRY
CNKDESKRNSMFCFRPAKDISFQNYTYLSKNVVDNWEKVCPRKNLQNAKFGLWVDGNCEDIPHVNEFPAIDLFECNKLVF
ELSASDQPKQYEQHLTDYEKIKEGFKNKNASMIKSAFLPTGAFKADRYKSHGKGYNWGNYNTETQKCEIFNVKPTCLINN
SSYIATTALSHPIEVE
;
_entity_poly.pdbx_strand_id   A,E
#
loop_
_chem_comp.id
_chem_comp.type
_chem_comp.name
_chem_comp.formula
CL non-polymer 'CHLORIDE ION' 'Cl -1'
#
# COMPACT_ATOMS: atom_id res chain seq x y z
N ASN A 6 0.08 -26.30 26.06
CA ASN A 6 0.73 -25.09 25.47
C ASN A 6 1.38 -24.19 26.52
N PRO A 7 2.73 -24.11 26.50
CA PRO A 7 3.35 -23.28 27.55
C PRO A 7 3.26 -21.79 27.26
N TRP A 8 2.78 -21.42 26.06
CA TRP A 8 2.73 -20.03 25.60
C TRP A 8 1.44 -19.28 25.99
N THR A 9 0.47 -20.02 26.49
CA THR A 9 -0.88 -19.48 26.72
C THR A 9 -0.92 -18.09 27.34
N GLU A 10 -0.34 -17.95 28.53
CA GLU A 10 -0.39 -16.66 29.23
C GLU A 10 0.35 -15.57 28.45
N TYR A 11 1.52 -15.91 27.90
CA TYR A 11 2.30 -14.96 27.11
C TYR A 11 1.54 -14.43 25.89
N MET A 12 0.81 -15.32 25.23
CA MET A 12 0.14 -14.99 23.97
C MET A 12 -1.22 -14.32 24.09
N ALA A 13 -1.72 -14.19 25.33
CA ALA A 13 -3.05 -13.62 25.61
C ALA A 13 -3.22 -12.24 24.98
N LYS A 14 -2.19 -11.39 25.05
CA LYS A 14 -2.31 -10.06 24.48
C LYS A 14 -2.38 -10.00 22.94
N TYR A 15 -2.10 -11.11 22.25
CA TYR A 15 -2.25 -11.19 20.79
C TYR A 15 -3.60 -11.74 20.35
N ASP A 16 -4.48 -12.03 21.33
CA ASP A 16 -5.86 -12.40 21.01
C ASP A 16 -6.68 -11.11 20.89
N ILE A 17 -6.56 -10.48 19.72
CA ILE A 17 -7.07 -9.12 19.48
C ILE A 17 -8.60 -9.05 19.60
N GLU A 18 -9.26 -10.10 19.15
CA GLU A 18 -10.71 -10.22 19.35
C GLU A 18 -11.10 -10.10 20.83
N GLU A 19 -10.34 -10.78 21.68
CA GLU A 19 -10.62 -10.76 23.10
C GLU A 19 -10.14 -9.46 23.78
N VAL A 20 -8.87 -9.07 23.54
CA VAL A 20 -8.29 -7.96 24.32
C VAL A 20 -8.69 -6.56 23.83
N HIS A 21 -8.95 -6.42 22.54
CA HIS A 21 -9.29 -5.12 21.96
C HIS A 21 -10.78 -5.10 21.64
N GLY A 22 -11.23 -6.11 20.90
CA GLY A 22 -12.68 -6.33 20.72
C GLY A 22 -13.42 -5.37 19.80
N SER A 23 -12.70 -4.62 18.96
CA SER A 23 -13.40 -3.72 18.02
C SER A 23 -12.49 -3.55 16.80
N GLY A 24 -12.90 -2.70 15.86
CA GLY A 24 -12.05 -2.43 14.73
C GLY A 24 -10.73 -1.74 15.13
N ILE A 25 -9.74 -1.91 14.30
CA ILE A 25 -8.43 -1.25 14.46
C ILE A 25 -8.24 -0.14 13.42
N ARG A 26 -8.29 -0.47 12.14
CA ARG A 26 -8.13 0.55 11.10
C ARG A 26 -9.22 1.63 11.23
N VAL A 27 -10.46 1.16 11.34
CA VAL A 27 -11.61 2.01 11.73
C VAL A 27 -12.28 1.34 12.91
N ASP A 28 -12.34 2.07 14.01
CA ASP A 28 -12.94 1.59 15.23
C ASP A 28 -14.25 2.34 15.46
N LEU A 29 -15.37 1.64 15.27
CA LEU A 29 -16.71 2.18 15.55
C LEU A 29 -17.56 1.07 16.19
N GLY A 30 -17.02 0.48 17.26
CA GLY A 30 -17.53 -0.78 17.79
C GLY A 30 -18.70 -0.69 18.74
N GLU A 31 -19.13 0.54 19.06
CA GLU A 31 -20.33 0.77 19.85
C GLU A 31 -21.22 1.84 19.21
N ASP A 32 -22.43 1.94 19.75
CA ASP A 32 -23.38 3.02 19.46
C ASP A 32 -23.82 3.62 20.79
N ALA A 33 -24.08 4.92 20.81
CA ALA A 33 -24.49 5.61 22.02
C ALA A 33 -25.44 6.73 21.61
N GLU A 34 -26.55 6.87 22.33
CA GLU A 34 -27.52 7.93 22.05
C GLU A 34 -26.98 9.31 22.45
N VAL A 35 -27.22 10.31 21.60
CA VAL A 35 -27.03 11.72 21.96
C VAL A 35 -28.28 12.45 21.43
N ALA A 36 -29.05 13.09 22.32
CA ALA A 36 -30.29 13.78 21.91
C ALA A 36 -31.22 12.92 21.04
N GLY A 37 -31.43 11.67 21.47
CA GLY A 37 -32.45 10.81 20.85
C GLY A 37 -32.03 9.97 19.64
N THR A 38 -30.83 10.21 19.13
CA THR A 38 -30.26 9.46 17.98
C THR A 38 -29.05 8.63 18.38
N GLN A 39 -28.97 7.38 17.91
CA GLN A 39 -27.77 6.52 18.14
C GLN A 39 -26.62 6.84 17.18
N TYR A 40 -25.47 7.23 17.72
CA TYR A 40 -24.30 7.48 16.89
C TYR A 40 -23.28 6.37 17.12
N ARG A 41 -22.46 6.13 16.11
CA ARG A 41 -21.34 5.17 16.21
C ARG A 41 -20.14 5.82 16.86
N LEU A 42 -19.34 5.05 17.64
CA LEU A 42 -18.14 5.64 18.25
C LEU A 42 -17.12 4.57 18.57
N PRO A 43 -15.84 4.97 18.60
CA PRO A 43 -14.76 4.03 18.96
C PRO A 43 -15.01 3.33 20.30
N SER A 44 -14.67 2.04 20.36
CA SER A 44 -14.84 1.26 21.59
C SER A 44 -13.75 0.24 21.87
N GLY A 45 -12.68 0.22 21.06
CA GLY A 45 -11.55 -0.69 21.28
C GLY A 45 -10.91 -0.53 22.65
N LYS A 46 -10.51 -1.66 23.26
CA LYS A 46 -9.99 -1.58 24.63
C LYS A 46 -8.49 -1.33 24.67
N CYS A 47 -7.82 -1.45 23.52
CA CYS A 47 -6.37 -1.19 23.45
C CYS A 47 -6.07 0.10 22.71
N PRO A 48 -4.96 0.78 23.08
CA PRO A 48 -4.47 1.89 22.26
C PRO A 48 -4.02 1.42 20.88
N VAL A 49 -4.14 2.30 19.89
CA VAL A 49 -3.65 1.95 18.56
C VAL A 49 -2.45 2.84 18.27
N PHE A 50 -1.26 2.24 18.36
CA PHE A 50 -0.06 3.06 18.25
C PHE A 50 0.26 3.44 16.82
N GLY A 51 0.48 4.75 16.62
CA GLY A 51 0.99 5.31 15.36
C GLY A 51 -0.12 5.58 14.36
N LYS A 52 -1.36 5.43 14.81
CA LYS A 52 -2.54 5.72 13.97
C LYS A 52 -2.89 7.19 13.95
N GLY A 53 -3.04 7.73 12.74
CA GLY A 53 -3.61 9.07 12.55
C GLY A 53 -4.56 9.08 11.36
N ILE A 54 -4.97 10.27 10.96
CA ILE A 54 -5.86 10.44 9.82
C ILE A 54 -5.23 11.34 8.81
N ILE A 55 -5.23 10.88 7.57
CA ILE A 55 -4.72 11.69 6.46
C ILE A 55 -5.90 12.34 5.75
N ILE A 56 -5.86 13.67 5.64
CA ILE A 56 -6.87 14.43 4.91
C ILE A 56 -6.39 14.62 3.48
N GLU A 57 -7.21 14.20 2.52
CA GLU A 57 -6.80 14.22 1.11
C GLU A 57 -6.87 15.61 0.47
N ASN A 58 -5.91 15.86 -0.42
CA ASN A 58 -5.80 17.12 -1.17
C ASN A 58 -5.93 18.36 -0.29
N SER A 59 -5.25 18.35 0.84
CA SER A 59 -5.40 19.40 1.82
C SER A 59 -4.11 19.67 2.58
N ASN A 60 -3.88 20.95 2.88
CA ASN A 60 -2.76 21.38 3.72
C ASN A 60 -3.09 21.37 5.22
N THR A 61 -4.26 20.85 5.56
CA THR A 61 -4.70 20.83 6.94
C THR A 61 -4.40 19.49 7.61
N THR A 62 -3.77 19.55 8.78
CA THR A 62 -3.40 18.35 9.55
C THR A 62 -4.53 17.96 10.49
N PHE A 63 -4.71 16.66 10.73
CA PHE A 63 -5.94 16.19 11.40
C PHE A 63 -6.03 16.60 12.87
N LEU A 64 -4.91 16.97 13.49
CA LEU A 64 -4.99 17.42 14.88
C LEU A 64 -5.32 18.91 15.07
N THR A 65 -5.48 19.63 13.96
CA THR A 65 -5.95 21.01 13.95
C THR A 65 -7.41 20.99 14.43
N PRO A 66 -7.81 21.92 15.32
CA PRO A 66 -9.21 21.96 15.73
C PRO A 66 -10.15 22.06 14.53
N VAL A 67 -11.33 21.48 14.66
CA VAL A 67 -12.37 21.59 13.63
C VAL A 67 -12.58 23.04 13.20
N ALA A 68 -12.99 23.23 11.94
CA ALA A 68 -13.32 24.56 11.45
C ALA A 68 -14.58 25.06 12.17
N THR A 69 -14.53 26.29 12.64
CA THR A 69 -15.67 26.88 13.36
C THR A 69 -16.05 28.25 12.79
N LYS A 75 -12.79 22.70 6.10
CA LYS A 75 -11.82 22.84 5.01
C LYS A 75 -10.45 23.28 5.53
N ASP A 76 -10.42 24.41 6.23
CA ASP A 76 -9.23 24.84 6.96
C ASP A 76 -9.04 24.04 8.25
N GLY A 77 -10.03 23.21 8.59
CA GLY A 77 -10.08 22.57 9.90
C GLY A 77 -9.70 21.11 9.95
N GLY A 78 -9.35 20.64 11.14
CA GLY A 78 -9.09 19.23 11.33
C GLY A 78 -10.23 18.55 12.07
N PHE A 79 -9.84 17.63 12.95
CA PHE A 79 -10.76 16.75 13.65
C PHE A 79 -10.83 17.07 15.14
N ALA A 80 -9.91 17.92 15.61
CA ALA A 80 -9.73 18.10 17.03
C ALA A 80 -10.76 19.04 17.59
N PHE A 81 -10.97 18.92 18.90
CA PHE A 81 -11.86 19.80 19.64
C PHE A 81 -11.60 21.28 19.35
N PRO A 82 -12.69 22.03 19.11
CA PRO A 82 -12.58 23.48 18.95
C PRO A 82 -12.22 24.08 20.31
N PRO A 83 -11.71 25.33 20.34
CA PRO A 83 -11.38 25.89 21.65
C PRO A 83 -12.62 25.98 22.56
N THR A 84 -12.41 25.61 23.81
CA THR A 84 -13.44 25.60 24.84
C THR A 84 -12.94 26.54 25.93
N GLU A 85 -13.84 26.94 26.83
CA GLU A 85 -13.45 27.82 27.93
C GLU A 85 -13.97 27.21 29.24
N PRO A 86 -13.07 26.74 30.12
CA PRO A 86 -11.60 26.68 29.99
C PRO A 86 -11.18 25.73 28.88
N LEU A 87 -9.99 25.93 28.32
CA LEU A 87 -9.51 25.10 27.22
C LEU A 87 -9.30 23.67 27.72
N MET A 88 -10.09 22.73 27.20
CA MET A 88 -9.99 21.33 27.61
C MET A 88 -9.07 20.52 26.70
N SER A 89 -8.89 21.02 25.48
CA SER A 89 -8.04 20.37 24.51
C SER A 89 -7.48 21.45 23.59
N PRO A 90 -6.20 21.32 23.22
CA PRO A 90 -5.26 20.29 23.69
C PRO A 90 -4.90 20.54 25.17
N MET A 91 -4.46 19.49 25.88
CA MET A 91 -4.05 19.63 27.28
C MET A 91 -2.84 18.74 27.51
N THR A 92 -1.79 19.33 28.07
CA THR A 92 -0.53 18.59 28.35
C THR A 92 -0.73 17.59 29.48
N LEU A 93 0.14 16.55 29.57
CA LEU A 93 0.12 15.62 30.71
C LEU A 93 0.07 16.34 32.05
N ASP A 94 0.97 17.31 32.23
CA ASP A 94 1.12 18.00 33.51
C ASP A 94 -0.16 18.76 33.84
N GLU A 95 -0.73 19.39 32.81
CA GLU A 95 -1.98 20.12 32.98
C GLU A 95 -3.12 19.17 33.37
N MET A 96 -3.16 18.01 32.74
CA MET A 96 -4.16 16.98 33.06
C MET A 96 -4.08 16.49 34.50
N ARG A 97 -2.86 16.15 34.92
CA ARG A 97 -2.63 15.72 36.31
C ARG A 97 -3.05 16.76 37.29
N HIS A 98 -2.74 18.03 37.02
CA HIS A 98 -3.16 19.13 37.89
C HIS A 98 -4.68 19.29 37.89
N PHE A 99 -5.27 19.19 36.70
CA PHE A 99 -6.72 19.34 36.52
C PHE A 99 -7.51 18.32 37.36
N TYR A 100 -7.00 17.08 37.41
CA TYR A 100 -7.58 15.96 38.17
C TYR A 100 -6.92 15.70 39.53
N LYS A 101 -6.24 16.70 40.08
CA LYS A 101 -5.50 16.54 41.34
C LYS A 101 -6.38 16.04 42.50
N ASP A 102 -7.66 16.39 42.49
CA ASP A 102 -8.59 16.03 43.55
C ASP A 102 -9.17 14.61 43.38
N ASN A 103 -8.91 14.02 42.22
CA ASN A 103 -9.49 12.72 41.90
C ASN A 103 -8.46 11.59 41.95
N LYS A 104 -8.46 10.90 43.10
CA LYS A 104 -7.58 9.79 43.42
C LYS A 104 -7.46 8.73 42.34
N TYR A 105 -8.58 8.43 41.68
CA TYR A 105 -8.67 7.33 40.71
C TYR A 105 -8.14 7.70 39.33
N VAL A 106 -7.95 8.98 39.09
CA VAL A 106 -7.61 9.47 37.74
C VAL A 106 -6.21 10.08 37.74
N LYS A 107 -5.88 10.79 38.81
CA LYS A 107 -4.68 11.65 38.85
C LYS A 107 -3.39 10.93 38.50
N ASN A 108 -3.27 9.65 38.85
CA ASN A 108 -2.04 8.87 38.67
C ASN A 108 -2.18 7.74 37.62
N LEU A 109 -3.21 7.83 36.77
CA LEU A 109 -3.29 6.92 35.66
C LEU A 109 -2.12 7.12 34.72
N ASP A 110 -1.76 6.08 33.98
CA ASP A 110 -0.74 6.23 32.94
C ASP A 110 -1.20 7.27 31.89
N GLU A 111 -0.24 7.95 31.26
CA GLU A 111 -0.64 9.05 30.32
C GLU A 111 -1.70 8.71 29.25
N LEU A 112 -1.67 7.47 28.74
CA LEU A 112 -2.63 7.08 27.69
C LEU A 112 -4.06 6.92 28.21
N THR A 113 -4.19 6.14 29.29
CA THR A 113 -5.47 5.95 30.00
C THR A 113 -5.99 7.30 30.51
N LEU A 114 -5.10 8.13 31.05
CA LEU A 114 -5.52 9.50 31.46
C LEU A 114 -6.12 10.32 30.32
N CYS A 115 -5.41 10.37 29.19
CA CYS A 115 -5.92 11.07 28.02
C CYS A 115 -7.28 10.50 27.61
N SER A 116 -7.42 9.17 27.59
CA SER A 116 -8.74 8.58 27.30
C SER A 116 -9.83 9.03 28.28
N ARG A 117 -9.50 9.02 29.58
CA ARG A 117 -10.48 9.44 30.61
C ARG A 117 -10.82 10.92 30.53
N HIS A 118 -9.81 11.73 30.22
CA HIS A 118 -10.02 13.18 30.06
C HIS A 118 -11.01 13.46 28.92
N ALA A 119 -10.73 12.87 27.76
CA ALA A 119 -11.66 12.92 26.62
C ALA A 119 -13.05 12.43 27.02
N GLY A 120 -13.11 11.36 27.80
CA GLY A 120 -14.43 10.82 28.25
C GLY A 120 -15.24 11.70 29.17
N ASN A 121 -14.62 12.75 29.74
CA ASN A 121 -15.34 13.69 30.58
C ASN A 121 -16.03 14.84 29.82
N MET A 122 -15.76 14.95 28.51
CA MET A 122 -16.44 15.97 27.71
C MET A 122 -17.87 15.53 27.45
N ILE A 123 -18.85 16.34 27.85
CA ILE A 123 -20.25 16.00 27.60
C ILE A 123 -20.58 16.38 26.17
N PRO A 124 -21.18 15.46 25.38
CA PRO A 124 -21.55 15.83 24.03
C PRO A 124 -22.85 16.63 23.98
N ASP A 125 -22.81 17.78 23.30
CA ASP A 125 -24.03 18.49 22.87
C ASP A 125 -24.95 18.83 24.02
N ASN A 126 -24.37 19.13 25.19
CA ASN A 126 -25.14 19.44 26.41
C ASN A 126 -26.17 18.37 26.80
N ASP A 127 -25.87 17.12 26.45
CA ASP A 127 -26.75 16.02 26.78
C ASP A 127 -26.30 15.36 28.06
N LYS A 128 -26.95 15.76 29.16
CA LYS A 128 -26.53 15.43 30.54
C LYS A 128 -26.30 13.94 30.78
N ASN A 129 -27.19 13.09 30.28
CA ASN A 129 -27.08 11.64 30.54
C ASN A 129 -26.64 10.77 29.37
N SER A 130 -25.98 11.36 28.38
CA SER A 130 -25.49 10.55 27.25
C SER A 130 -24.28 9.73 27.71
N ASN A 131 -24.16 8.52 27.18
CA ASN A 131 -23.01 7.65 27.37
C ASN A 131 -22.00 7.78 26.22
N TYR A 132 -22.26 8.69 25.26
CA TYR A 132 -21.35 8.97 24.15
C TYR A 132 -20.09 9.65 24.67
N LYS A 133 -18.92 9.14 24.28
CA LYS A 133 -17.66 9.72 24.73
C LYS A 133 -16.69 9.86 23.57
N TYR A 134 -16.12 11.07 23.43
CA TYR A 134 -15.26 11.38 22.29
C TYR A 134 -13.97 10.59 22.45
N PRO A 135 -13.40 10.16 21.32
CA PRO A 135 -12.06 9.56 21.37
C PRO A 135 -10.98 10.65 21.38
N ALA A 136 -9.71 10.24 21.44
CA ALA A 136 -8.62 11.18 21.60
C ALA A 136 -7.35 10.67 20.94
N VAL A 137 -6.40 11.58 20.73
CA VAL A 137 -5.06 11.23 20.26
C VAL A 137 -4.03 11.81 21.22
N TYR A 138 -3.14 10.95 21.70
CA TYR A 138 -2.12 11.39 22.62
C TYR A 138 -0.84 11.48 21.82
N ASP A 139 -0.11 12.59 21.99
CA ASP A 139 1.15 12.81 21.30
C ASP A 139 2.26 12.64 22.34
N ASP A 140 3.07 11.61 22.14
CA ASP A 140 4.08 11.19 23.10
C ASP A 140 5.29 12.09 23.05
N LYS A 141 5.47 12.76 21.90
CA LYS A 141 6.60 13.69 21.75
C LYS A 141 6.36 14.97 22.54
N ASP A 142 5.20 15.57 22.38
CA ASP A 142 4.89 16.82 23.06
C ASP A 142 4.14 16.60 24.38
N LYS A 143 3.83 15.35 24.71
CA LYS A 143 3.05 15.01 25.91
C LYS A 143 1.75 15.84 25.96
N LYS A 144 1.01 15.76 24.86
CA LYS A 144 -0.28 16.48 24.71
C LYS A 144 -1.41 15.54 24.37
N CYS A 145 -2.54 15.75 25.05
CA CYS A 145 -3.75 15.01 24.77
C CYS A 145 -4.66 15.87 23.89
N HIS A 146 -5.05 15.32 22.73
CA HIS A 146 -5.94 16.02 21.78
C HIS A 146 -7.27 15.30 21.75
N ILE A 147 -8.30 15.90 22.33
CA ILE A 147 -9.66 15.33 22.19
C ILE A 147 -10.23 15.51 20.76
N LEU A 148 -10.78 14.46 20.16
CA LEU A 148 -11.30 14.56 18.82
C LEU A 148 -12.80 14.88 18.84
N TYR A 149 -13.18 15.95 18.16
CA TYR A 149 -14.60 16.28 17.98
C TYR A 149 -15.27 15.41 16.91
N ILE A 150 -14.50 14.98 15.93
CA ILE A 150 -15.05 14.15 14.84
C ILE A 150 -14.54 12.74 15.07
N ALA A 151 -15.46 11.80 15.31
CA ALA A 151 -15.02 10.42 15.56
C ALA A 151 -14.97 9.58 14.30
N ALA A 152 -15.46 10.12 13.16
CA ALA A 152 -15.24 9.51 11.85
C ALA A 152 -13.74 9.32 11.58
N GLN A 153 -13.40 8.24 10.87
CA GLN A 153 -11.99 7.91 10.63
C GLN A 153 -11.72 7.68 9.16
N GLU A 154 -12.80 7.47 8.39
CA GLU A 154 -12.68 7.29 6.96
C GLU A 154 -13.90 7.81 6.24
N ASN A 155 -13.64 8.62 5.23
CA ASN A 155 -14.65 9.15 4.34
C ASN A 155 -13.97 9.44 3.02
N ASN A 156 -13.86 8.43 2.16
CA ASN A 156 -13.42 8.65 0.79
C ASN A 156 -14.10 7.74 -0.24
N GLY A 157 -15.40 7.95 -0.41
CA GLY A 157 -16.15 7.26 -1.44
C GLY A 157 -15.89 7.88 -2.79
N PRO A 158 -15.92 7.07 -3.87
CA PRO A 158 -15.78 7.55 -5.24
C PRO A 158 -16.56 8.83 -5.50
N ARG A 159 -17.61 9.04 -4.70
CA ARG A 159 -18.45 10.24 -4.74
C ARG A 159 -17.68 11.54 -4.90
N TYR A 160 -17.37 12.18 -3.78
CA TYR A 160 -16.75 13.51 -3.77
C TYR A 160 -15.24 13.44 -3.47
N CYS A 161 -14.59 12.36 -3.92
CA CYS A 161 -13.16 12.18 -3.70
C CYS A 161 -12.46 11.70 -4.99
N PHE A 172 -14.42 16.97 1.80
CA PHE A 172 -13.54 16.68 2.94
C PHE A 172 -13.28 15.19 3.04
N CYS A 173 -12.30 14.72 2.26
CA CYS A 173 -12.04 13.29 2.16
C CYS A 173 -10.86 12.89 3.03
N PHE A 174 -10.93 11.70 3.61
CA PHE A 174 -9.91 11.30 4.59
C PHE A 174 -9.87 9.80 4.84
N ARG A 175 -8.73 9.33 5.35
CA ARG A 175 -8.52 7.90 5.60
C ARG A 175 -7.54 7.70 6.78
N PRO A 176 -7.71 6.59 7.54
CA PRO A 176 -6.75 6.27 8.62
C PRO A 176 -5.47 5.69 8.05
N ALA A 177 -4.34 5.92 8.73
CA ALA A 177 -3.05 5.42 8.23
C ALA A 177 -2.04 5.49 9.33
N LYS A 178 -1.03 4.64 9.20
CA LYS A 178 0.18 4.80 9.95
C LYS A 178 1.12 5.50 8.99
N ASP A 179 1.89 6.43 9.52
CA ASP A 179 2.73 7.29 8.68
C ASP A 179 3.82 7.76 9.61
N ILE A 180 4.99 8.01 9.05
CA ILE A 180 6.12 8.48 9.83
C ILE A 180 5.75 9.67 10.72
N SER A 181 5.00 10.62 10.18
CA SER A 181 4.49 11.77 10.94
C SER A 181 3.66 11.43 12.19
N PHE A 182 3.06 10.24 12.19
CA PHE A 182 2.13 9.83 13.26
C PHE A 182 2.77 8.88 14.27
N GLN A 183 4.07 8.66 14.15
CA GLN A 183 4.70 7.57 14.91
C GLN A 183 4.62 7.78 16.42
N ASN A 184 4.52 9.04 16.85
CA ASN A 184 4.39 9.29 18.28
C ASN A 184 2.95 9.49 18.75
N TYR A 185 2.00 9.24 17.86
CA TYR A 185 0.61 9.38 18.22
C TYR A 185 0.04 8.03 18.59
N THR A 186 -0.96 8.07 19.46
CA THR A 186 -1.76 6.89 19.78
C THR A 186 -3.23 7.31 19.76
N TYR A 187 -4.03 6.50 19.05
CA TYR A 187 -5.47 6.75 18.87
C TYR A 187 -6.16 5.95 19.97
N LEU A 188 -6.96 6.64 20.76
CA LEU A 188 -7.51 6.13 22.00
C LEU A 188 -9.06 6.19 21.97
N SER A 189 -9.72 5.05 22.03
CA SER A 189 -11.17 5.07 22.32
C SER A 189 -11.49 5.42 23.79
N LYS A 190 -12.76 5.70 24.07
CA LYS A 190 -13.25 5.84 25.45
C LYS A 190 -13.02 4.59 26.33
N ASN A 191 -12.79 3.44 25.71
CA ASN A 191 -12.72 2.18 26.46
C ASN A 191 -11.30 1.69 26.75
N VAL A 192 -10.30 2.47 26.36
CA VAL A 192 -8.90 2.05 26.64
C VAL A 192 -8.70 1.65 28.12
N VAL A 193 -8.19 0.44 28.34
CA VAL A 193 -8.09 -0.13 29.69
C VAL A 193 -6.87 0.38 30.49
N ASP A 194 -7.01 0.53 31.80
CA ASP A 194 -5.89 1.07 32.60
C ASP A 194 -4.63 0.21 32.66
N ASN A 195 -4.77 -1.07 32.32
CA ASN A 195 -3.65 -2.03 32.38
C ASN A 195 -3.22 -2.49 31.00
N TRP A 196 -3.51 -1.66 29.99
CA TRP A 196 -3.21 -1.95 28.57
C TRP A 196 -1.78 -2.42 28.36
N GLU A 197 -0.82 -1.87 29.13
CA GLU A 197 0.58 -2.26 28.98
C GLU A 197 0.74 -3.77 29.20
N LYS A 198 0.03 -4.33 30.17
CA LYS A 198 0.11 -5.78 30.38
C LYS A 198 -0.78 -6.67 29.46
N VAL A 199 -1.88 -6.12 28.95
CA VAL A 199 -2.85 -6.95 28.22
C VAL A 199 -2.97 -6.65 26.71
N CYS A 200 -2.31 -5.60 26.22
CA CYS A 200 -2.41 -5.14 24.82
C CYS A 200 -1.01 -5.16 24.16
N PRO A 201 -0.95 -5.39 22.83
CA PRO A 201 0.36 -5.29 22.15
C PRO A 201 0.84 -3.83 22.11
N ARG A 202 2.16 -3.66 22.14
CA ARG A 202 2.76 -2.38 21.84
C ARG A 202 4.06 -2.59 21.06
N LYS A 203 5.05 -3.25 21.66
CA LYS A 203 6.34 -3.44 20.99
C LYS A 203 6.28 -4.62 20.05
N ASN A 204 7.02 -4.51 18.96
CA ASN A 204 7.15 -5.60 18.02
C ASN A 204 8.17 -6.61 18.61
N LEU A 205 8.05 -7.88 18.25
CA LEU A 205 8.90 -8.94 18.85
C LEU A 205 10.02 -9.26 17.91
N GLN A 206 11.23 -8.81 18.25
CA GLN A 206 12.34 -9.03 17.37
C GLN A 206 12.82 -10.48 17.48
N ASN A 207 13.27 -11.04 16.35
CA ASN A 207 13.82 -12.40 16.32
C ASN A 207 12.79 -13.45 16.73
N ALA A 208 11.54 -13.19 16.35
CA ALA A 208 10.43 -14.06 16.66
C ALA A 208 9.43 -14.03 15.53
N LYS A 209 8.84 -15.19 15.27
CA LYS A 209 7.77 -15.33 14.29
C LYS A 209 6.51 -15.90 14.98
N PHE A 210 5.35 -15.27 14.80
CA PHE A 210 4.09 -15.88 15.27
C PHE A 210 3.84 -17.28 14.66
N GLY A 211 3.31 -18.18 15.48
CA GLY A 211 2.97 -19.51 14.99
C GLY A 211 1.72 -20.02 15.67
N LEU A 212 1.41 -21.29 15.42
CA LEU A 212 0.31 -22.01 16.08
C LEU A 212 0.81 -23.26 16.79
N TRP A 213 0.39 -23.44 18.03
CA TRP A 213 0.85 -24.58 18.86
C TRP A 213 0.08 -25.85 18.49
N VAL A 214 0.83 -26.83 17.98
CA VAL A 214 0.29 -28.08 17.48
C VAL A 214 1.17 -29.22 17.99
N ASP A 215 0.60 -30.05 18.87
CA ASP A 215 1.22 -31.30 19.30
C ASP A 215 2.62 -31.09 19.90
N GLY A 216 2.72 -30.19 20.87
CA GLY A 216 3.98 -29.91 21.55
C GLY A 216 5.00 -29.14 20.72
N ASN A 217 4.53 -28.45 19.69
CA ASN A 217 5.42 -27.69 18.82
C ASN A 217 4.81 -26.38 18.29
N CYS A 218 5.63 -25.35 18.15
CA CYS A 218 5.17 -24.13 17.48
C CYS A 218 5.35 -24.25 15.97
N GLU A 219 4.21 -24.35 15.28
CA GLU A 219 4.14 -24.63 13.86
C GLU A 219 3.82 -23.32 13.11
N ASP A 220 4.17 -23.24 11.84
CA ASP A 220 3.85 -22.06 11.02
C ASP A 220 2.36 -21.84 10.87
N ILE A 221 1.94 -20.57 10.77
CA ILE A 221 0.54 -20.24 10.45
C ILE A 221 0.32 -20.79 9.05
N PRO A 222 -0.70 -21.66 8.88
CA PRO A 222 -0.96 -22.34 7.60
C PRO A 222 -1.19 -21.37 6.43
N HIS A 223 -2.00 -20.33 6.63
CA HIS A 223 -2.30 -19.45 5.50
C HIS A 223 -1.89 -18.02 5.78
N VAL A 224 -0.90 -17.55 5.03
CA VAL A 224 -0.46 -16.15 5.13
C VAL A 224 -0.55 -15.48 3.76
N ASN A 225 -0.76 -14.18 3.73
CA ASN A 225 -0.65 -13.47 2.47
C ASN A 225 0.67 -12.69 2.53
N GLU A 226 1.51 -12.87 1.53
CA GLU A 226 2.85 -12.26 1.49
C GLU A 226 2.92 -11.04 0.56
N PHE A 227 3.57 -9.97 1.02
CA PHE A 227 3.74 -8.71 0.25
C PHE A 227 5.16 -8.20 0.41
N PRO A 228 5.70 -7.51 -0.60
CA PRO A 228 6.97 -6.77 -0.38
C PRO A 228 6.82 -5.66 0.65
N ALA A 229 7.83 -5.48 1.52
CA ALA A 229 7.77 -4.46 2.59
C ALA A 229 9.25 -4.12 2.86
N ILE A 230 9.62 -2.87 2.60
CA ILE A 230 11.03 -2.46 2.72
C ILE A 230 11.53 -2.49 4.16
N ASP A 231 10.64 -2.30 5.12
CA ASP A 231 11.05 -2.32 6.53
C ASP A 231 9.92 -2.69 7.44
N LEU A 232 10.21 -2.79 8.74
CA LEU A 232 9.13 -3.10 9.68
C LEU A 232 8.02 -2.06 9.64
N PHE A 233 8.38 -0.77 9.51
CA PHE A 233 7.30 0.27 9.47
C PHE A 233 6.33 -0.01 8.32
N GLU A 234 6.88 -0.31 7.14
CA GLU A 234 6.02 -0.61 5.99
C GLU A 234 5.16 -1.83 6.19
N CYS A 235 5.73 -2.90 6.77
CA CYS A 235 4.94 -4.08 7.13
C CYS A 235 3.80 -3.74 8.09
N ASN A 236 4.12 -3.05 9.17
CA ASN A 236 3.11 -2.60 10.13
C ASN A 236 2.03 -1.76 9.45
N LYS A 237 2.43 -0.88 8.55
CA LYS A 237 1.43 -0.11 7.79
C LYS A 237 0.48 -1.00 7.01
N LEU A 238 1.04 -2.02 6.33
CA LEU A 238 0.22 -2.92 5.52
C LEU A 238 -0.76 -3.76 6.34
N VAL A 239 -0.26 -4.27 7.46
CA VAL A 239 -1.10 -5.01 8.40
C VAL A 239 -2.27 -4.15 8.90
N PHE A 240 -1.95 -2.93 9.34
CA PHE A 240 -2.97 -1.94 9.74
C PHE A 240 -4.01 -1.74 8.64
N GLU A 241 -3.55 -1.55 7.41
CA GLU A 241 -4.49 -1.35 6.29
C GLU A 241 -5.41 -2.54 6.06
N LEU A 242 -4.91 -3.75 6.28
CA LEU A 242 -5.78 -4.95 6.11
C LEU A 242 -6.55 -5.40 7.34
N SER A 243 -6.33 -4.70 8.44
CA SER A 243 -6.82 -5.09 9.79
C SER A 243 -8.32 -4.88 10.01
N ALA A 244 -8.80 -5.38 11.15
CA ALA A 244 -10.25 -5.29 11.53
C ALA A 244 -10.77 -3.88 11.26
N SER A 245 -11.92 -3.77 10.58
CA SER A 245 -12.47 -2.46 10.25
C SER A 245 -13.98 -2.44 10.46
N ASP A 246 -14.45 -1.40 11.15
CA ASP A 246 -15.90 -1.19 11.38
C ASP A 246 -16.47 -0.23 10.34
N GLN A 247 -15.68 0.09 9.32
CA GLN A 247 -16.19 0.96 8.24
C GLN A 247 -17.28 0.26 7.42
N PRO A 248 -18.34 1.00 7.01
CA PRO A 248 -19.27 0.37 6.07
C PRO A 248 -18.55 0.06 4.75
N LYS A 249 -18.81 -1.14 4.23
CA LYS A 249 -18.35 -1.53 2.88
C LYS A 249 -19.35 -0.91 1.93
N GLN A 250 -20.44 -0.45 2.53
CA GLN A 250 -21.54 0.24 1.90
C GLN A 250 -21.13 1.58 1.26
N TYR A 251 -19.98 1.58 0.59
CA TYR A 251 -19.63 2.70 -0.31
C TYR A 251 -20.65 2.82 -1.47
N GLU A 252 -21.50 3.84 -1.38
CA GLU A 252 -22.55 4.10 -2.37
C GLU A 252 -22.40 5.48 -2.98
N GLN A 253 -23.43 5.91 -3.73
CA GLN A 253 -23.43 7.12 -4.56
C GLN A 253 -23.06 8.42 -3.83
N HIS A 254 -24.05 9.18 -3.37
CA HIS A 254 -23.76 10.41 -2.60
C HIS A 254 -23.60 10.13 -1.10
N LEU A 255 -22.99 11.07 -0.37
CA LEU A 255 -22.88 10.97 1.08
C LEU A 255 -24.14 11.50 1.78
N THR A 256 -25.03 10.58 2.17
CA THR A 256 -26.32 10.95 2.77
C THR A 256 -26.16 11.09 4.29
N ASP A 257 -27.17 11.67 4.95
CA ASP A 257 -27.13 11.77 6.42
C ASP A 257 -27.00 10.40 7.07
N TYR A 258 -27.72 9.40 6.55
CA TYR A 258 -27.61 8.04 7.07
C TYR A 258 -26.18 7.49 6.92
N GLU A 259 -25.59 7.74 5.75
CA GLU A 259 -24.22 7.30 5.45
C GLU A 259 -23.24 8.00 6.40
N LYS A 260 -23.45 9.29 6.65
CA LYS A 260 -22.59 10.00 7.62
C LYS A 260 -22.63 9.39 9.00
N ILE A 261 -23.83 9.03 9.49
CA ILE A 261 -23.92 8.36 10.81
C ILE A 261 -23.22 7.00 10.79
N LYS A 262 -23.36 6.26 9.68
CA LYS A 262 -22.65 4.96 9.53
C LYS A 262 -21.14 5.12 9.50
N GLU A 263 -20.69 6.32 9.13
CA GLU A 263 -19.24 6.62 9.15
C GLU A 263 -18.72 7.20 10.47
N GLY A 264 -19.60 7.46 11.44
CA GLY A 264 -19.15 7.98 12.75
C GLY A 264 -19.31 9.48 12.96
N PHE A 265 -19.93 10.18 11.99
CA PHE A 265 -20.26 11.60 12.15
C PHE A 265 -21.47 11.74 13.07
N LYS A 266 -21.57 12.89 13.72
CA LYS A 266 -22.61 13.20 14.71
C LYS A 266 -23.20 14.59 14.45
N ASN A 267 -22.35 15.51 14.01
CA ASN A 267 -22.73 16.92 13.81
C ASN A 267 -22.52 17.40 12.39
N LYS A 268 -23.36 18.36 12.00
CA LYS A 268 -23.24 19.08 10.74
C LYS A 268 -23.71 20.53 10.87
N ASN A 269 -22.78 21.45 11.11
CA ASN A 269 -23.04 22.90 10.94
C ASN A 269 -24.30 23.48 11.63
N ALA A 270 -24.36 23.32 12.95
CA ALA A 270 -25.44 23.87 13.83
C ALA A 270 -26.67 22.97 14.06
N SER A 271 -26.54 21.65 13.80
CA SER A 271 -27.57 20.68 14.22
C SER A 271 -26.96 19.26 14.35
N MET A 272 -27.69 18.34 14.99
CA MET A 272 -27.25 16.93 15.03
C MET A 272 -27.62 16.35 13.68
N ILE A 273 -26.87 15.36 13.24
CA ILE A 273 -27.29 14.59 12.07
C ILE A 273 -28.34 13.59 12.49
N LYS A 274 -29.42 13.51 11.72
CA LYS A 274 -30.52 12.60 12.00
C LYS A 274 -30.94 11.85 10.72
N SER A 275 -31.57 10.70 10.90
CA SER A 275 -32.06 9.91 9.80
C SER A 275 -33.21 8.99 10.20
N ALA A 276 -34.25 9.00 9.39
CA ALA A 276 -35.41 8.12 9.56
C ALA A 276 -35.04 6.65 9.30
N PHE A 277 -33.94 6.49 8.48
CA PHE A 277 -33.57 5.12 8.07
C PHE A 277 -32.80 4.34 9.12
N LEU A 278 -32.31 5.01 10.16
CA LEU A 278 -31.51 4.32 11.19
C LEU A 278 -32.39 3.29 11.90
N PRO A 279 -32.00 1.98 11.84
CA PRO A 279 -32.92 0.99 12.43
C PRO A 279 -32.91 1.09 13.95
N THR A 280 -34.06 0.82 14.54
CA THR A 280 -34.35 1.20 15.92
C THR A 280 -34.93 0.05 16.71
N ASP A 286 -25.50 -4.84 14.48
CA ASP A 286 -24.25 -5.55 14.62
C ASP A 286 -23.53 -5.68 13.27
N ARG A 287 -24.19 -5.26 12.19
CA ARG A 287 -23.72 -5.55 10.82
C ARG A 287 -22.41 -4.89 10.35
N TYR A 288 -22.04 -3.74 10.90
CA TYR A 288 -20.76 -3.09 10.50
C TYR A 288 -19.70 -3.19 11.58
N LYS A 289 -19.88 -4.09 12.53
CA LYS A 289 -18.89 -4.27 13.62
C LYS A 289 -18.07 -5.51 13.37
N SER A 290 -16.74 -5.34 13.34
CA SER A 290 -15.78 -6.44 13.21
C SER A 290 -15.59 -7.22 14.52
N HIS A 291 -15.83 -6.52 15.63
CA HIS A 291 -15.52 -7.05 16.95
C HIS A 291 -14.08 -7.52 17.05
N GLY A 292 -13.22 -6.97 16.20
CA GLY A 292 -11.78 -7.29 16.24
C GLY A 292 -11.32 -8.37 15.29
N LYS A 293 -12.26 -8.93 14.51
CA LYS A 293 -11.96 -9.98 13.53
C LYS A 293 -11.33 -9.29 12.31
N GLY A 294 -10.16 -9.78 11.90
CA GLY A 294 -9.47 -9.23 10.72
C GLY A 294 -8.06 -9.75 10.52
N TYR A 295 -7.40 -9.23 9.49
CA TYR A 295 -5.97 -9.53 9.21
C TYR A 295 -5.12 -8.65 10.12
N ASN A 296 -5.03 -9.05 11.37
CA ASN A 296 -4.55 -8.17 12.42
C ASN A 296 -3.05 -8.35 12.73
N TRP A 297 -2.49 -9.40 12.19
CA TRP A 297 -1.11 -9.84 12.51
C TRP A 297 -0.20 -9.96 11.29
N GLY A 298 1.10 -9.73 11.49
CA GLY A 298 2.10 -9.91 10.44
C GLY A 298 3.41 -10.49 10.98
N ASN A 299 4.02 -11.37 10.20
CA ASN A 299 5.41 -11.80 10.42
C ASN A 299 6.22 -11.11 9.33
N TYR A 300 7.13 -10.23 9.73
CA TYR A 300 8.00 -9.55 8.79
C TYR A 300 9.35 -10.25 8.68
N ASN A 301 9.66 -10.73 7.48
CA ASN A 301 10.97 -11.31 7.22
C ASN A 301 11.96 -10.23 6.79
N THR A 302 12.87 -9.89 7.69
CA THR A 302 13.83 -8.82 7.45
C THR A 302 14.91 -9.17 6.42
N GLU A 303 15.05 -10.45 6.09
CA GLU A 303 16.11 -10.88 5.17
C GLU A 303 15.62 -10.91 3.75
N THR A 304 14.31 -11.09 3.59
CA THR A 304 13.70 -11.18 2.25
C THR A 304 12.76 -9.99 1.99
N GLN A 305 12.54 -9.14 3.00
CA GLN A 305 11.69 -7.95 2.88
C GLN A 305 10.31 -8.36 2.44
N LYS A 306 9.72 -9.27 3.22
CA LYS A 306 8.39 -9.79 2.94
C LYS A 306 7.60 -9.69 4.22
N CYS A 307 6.37 -9.21 4.09
CA CYS A 307 5.44 -9.04 5.17
C CYS A 307 4.39 -10.15 4.98
N GLU A 308 4.27 -11.05 5.96
CA GLU A 308 3.35 -12.21 5.85
C GLU A 308 2.16 -11.97 6.78
N ILE A 309 1.00 -11.72 6.20
CA ILE A 309 -0.18 -11.23 6.97
C ILE A 309 -1.21 -12.34 7.09
N PHE A 310 -1.84 -12.43 8.25
CA PHE A 310 -2.76 -13.53 8.52
C PHE A 310 -3.91 -13.04 9.39
N ASN A 311 -4.94 -13.84 9.49
CA ASN A 311 -6.23 -13.42 10.10
C ASN A 311 -6.73 -14.41 11.19
N VAL A 312 -5.82 -15.22 11.72
CA VAL A 312 -6.13 -16.15 12.80
C VAL A 312 -5.21 -15.83 13.98
N LYS A 313 -5.73 -15.88 15.20
CA LYS A 313 -4.87 -15.51 16.34
C LYS A 313 -3.70 -16.49 16.47
N PRO A 314 -2.50 -15.96 16.70
CA PRO A 314 -1.35 -16.83 16.93
C PRO A 314 -1.34 -17.35 18.39
N THR A 315 -0.80 -18.55 18.60
CA THR A 315 -0.89 -19.14 19.94
C THR A 315 0.48 -19.56 20.48
N CYS A 316 1.55 -19.15 19.80
CA CYS A 316 2.91 -19.35 20.27
C CYS A 316 3.86 -18.51 19.43
N LEU A 317 5.14 -18.51 19.82
CA LEU A 317 6.23 -17.88 19.05
C LEU A 317 7.22 -18.91 18.57
N ILE A 318 7.77 -18.67 17.38
CA ILE A 318 8.86 -19.47 16.85
C ILE A 318 10.14 -18.65 16.93
N ASN A 319 11.20 -19.26 17.47
CA ASN A 319 12.53 -18.68 17.55
C ASN A 319 13.17 -18.63 16.16
N ASN A 320 13.06 -17.49 15.46
CA ASN A 320 13.64 -17.35 14.11
C ASN A 320 14.23 -15.97 14.00
N SER A 321 15.55 -15.90 13.85
CA SER A 321 16.29 -14.63 13.84
C SER A 321 15.95 -13.73 12.63
N SER A 322 15.30 -14.30 11.63
CA SER A 322 14.98 -13.60 10.39
C SER A 322 13.70 -12.78 10.44
N TYR A 323 12.93 -12.92 11.54
CA TYR A 323 11.58 -12.36 11.62
C TYR A 323 11.40 -11.34 12.75
N ILE A 324 10.41 -10.48 12.57
CA ILE A 324 9.92 -9.61 13.61
C ILE A 324 8.38 -9.81 13.59
N ALA A 325 7.77 -10.00 14.76
CA ALA A 325 6.32 -10.25 14.84
C ALA A 325 5.59 -8.97 15.20
N THR A 326 4.64 -8.55 14.36
CA THR A 326 3.97 -7.27 14.51
C THR A 326 2.43 -7.44 14.49
N THR A 327 1.71 -6.44 15.00
CA THR A 327 0.26 -6.41 14.85
C THR A 327 -0.20 -5.01 14.46
N ALA A 328 -1.44 -4.94 14.01
CA ALA A 328 -2.02 -3.66 13.59
C ALA A 328 -2.06 -2.65 14.72
N LEU A 329 -2.17 -3.13 15.95
CA LEU A 329 -2.15 -2.32 17.15
C LEU A 329 -0.78 -1.80 17.53
N SER A 330 0.24 -2.53 17.09
CA SER A 330 1.58 -2.34 17.58
C SER A 330 2.16 -1.03 17.05
N HIS A 331 3.09 -0.47 17.82
CA HIS A 331 3.93 0.63 17.37
C HIS A 331 4.65 0.21 16.07
N PRO A 332 4.75 1.14 15.11
CA PRO A 332 5.38 0.82 13.84
C PRO A 332 6.92 0.71 13.84
N ILE A 333 7.55 1.06 14.96
CA ILE A 333 9.01 1.05 15.04
C ILE A 333 9.50 0.20 16.23
N GLU A 334 8.89 0.43 17.39
CA GLU A 334 9.43 -0.02 18.68
C GLU A 334 9.59 -1.54 18.72
N VAL A 335 10.75 -1.99 19.18
CA VAL A 335 11.00 -3.42 19.24
C VAL A 335 11.31 -3.91 20.64
N GLU A 336 10.98 -5.18 20.83
CA GLU A 336 11.56 -6.05 21.84
C GLU A 336 11.64 -7.45 21.18
N ASN B 6 16.43 25.72 -9.61
CA ASN B 6 17.08 24.40 -9.77
C ASN B 6 17.71 24.21 -11.18
N PRO B 7 19.05 24.17 -11.24
CA PRO B 7 19.78 23.94 -12.50
C PRO B 7 19.65 22.48 -12.96
N TRP B 8 19.09 21.64 -12.09
CA TRP B 8 18.99 20.21 -12.32
C TRP B 8 17.65 19.77 -12.95
N THR B 9 16.67 20.68 -13.02
CA THR B 9 15.29 20.33 -13.42
C THR B 9 15.18 19.53 -14.72
N GLU B 10 15.77 20.03 -15.80
CA GLU B 10 15.63 19.37 -17.11
C GLU B 10 16.33 18.01 -17.09
N TYR B 11 17.56 17.97 -16.54
CA TYR B 11 18.30 16.71 -16.36
C TYR B 11 17.51 15.68 -15.54
N MET B 12 16.91 16.12 -14.44
CA MET B 12 16.27 15.23 -13.47
C MET B 12 14.82 14.83 -13.83
N ALA B 13 14.27 15.47 -14.87
CA ALA B 13 12.91 15.17 -15.35
C ALA B 13 12.61 13.67 -15.57
N LYS B 14 13.54 12.93 -16.17
CA LYS B 14 13.32 11.49 -16.42
C LYS B 14 13.25 10.61 -15.15
N TYR B 15 13.62 11.17 -14.00
CA TYR B 15 13.61 10.41 -12.75
C TYR B 15 12.34 10.62 -11.93
N ASP B 16 11.43 11.49 -12.42
CA ASP B 16 10.12 11.70 -11.80
C ASP B 16 9.24 10.63 -12.39
N ILE B 17 9.37 9.44 -11.83
CA ILE B 17 8.73 8.25 -12.37
C ILE B 17 7.21 8.35 -12.34
N GLU B 18 6.66 9.02 -11.33
CA GLU B 18 5.21 9.28 -11.31
C GLU B 18 4.74 10.04 -12.54
N GLU B 19 5.55 11.02 -12.94
CA GLU B 19 5.22 11.85 -14.12
C GLU B 19 5.46 11.17 -15.44
N VAL B 20 6.64 10.57 -15.58
CA VAL B 20 7.10 10.10 -16.89
C VAL B 20 6.69 8.67 -17.21
N HIS B 21 6.50 7.84 -16.17
CA HIS B 21 6.05 6.46 -16.35
C HIS B 21 4.58 6.35 -15.97
N GLY B 22 4.24 6.78 -14.73
CA GLY B 22 2.80 6.93 -14.36
C GLY B 22 2.00 5.67 -14.06
N SER B 23 2.68 4.56 -13.88
CA SER B 23 1.98 3.30 -13.54
C SER B 23 2.94 2.44 -12.70
N GLY B 24 2.51 1.23 -12.36
CA GLY B 24 3.37 0.29 -11.67
C GLY B 24 4.60 -0.07 -12.49
N ILE B 25 5.62 -0.54 -11.77
CA ILE B 25 6.82 -1.03 -12.38
C ILE B 25 6.98 -2.54 -12.19
N ARG B 26 7.06 -3.01 -10.95
CA ARG B 26 7.12 -4.42 -10.59
C ARG B 26 5.92 -5.13 -11.22
N VAL B 27 4.73 -4.56 -10.97
CA VAL B 27 3.49 -4.99 -11.68
C VAL B 27 2.81 -3.75 -12.25
N ASP B 28 2.66 -3.71 -13.56
CA ASP B 28 2.04 -2.60 -14.26
C ASP B 28 0.64 -3.05 -14.72
N LEU B 29 -0.37 -2.58 -14.03
CA LEU B 29 -1.77 -2.75 -14.44
C LEU B 29 -2.48 -1.44 -14.26
N GLY B 30 -1.97 -0.41 -14.94
CA GLY B 30 -2.32 0.98 -14.62
C GLY B 30 -3.58 1.48 -15.31
N GLU B 31 -4.11 0.70 -16.26
CA GLU B 31 -5.37 1.07 -16.91
C GLU B 31 -6.38 -0.08 -16.88
N ASP B 32 -7.62 0.22 -17.26
CA ASP B 32 -8.63 -0.77 -17.53
C ASP B 32 -9.19 -0.51 -18.93
N ALA B 33 -9.54 -1.57 -19.63
CA ALA B 33 -10.07 -1.47 -20.98
C ALA B 33 -11.09 -2.57 -21.20
N GLU B 34 -12.21 -2.23 -21.84
CA GLU B 34 -13.27 -3.22 -22.06
C GLU B 34 -12.94 -4.15 -23.25
N VAL B 35 -13.19 -5.44 -23.09
CA VAL B 35 -13.17 -6.37 -24.22
C VAL B 35 -14.47 -7.17 -24.08
N ALA B 36 -15.31 -7.12 -25.12
CA ALA B 36 -16.62 -7.81 -25.12
C ALA B 36 -17.41 -7.65 -23.83
N GLY B 37 -17.52 -6.41 -23.35
CA GLY B 37 -18.46 -6.06 -22.28
C GLY B 37 -17.91 -6.10 -20.88
N THR B 38 -16.69 -6.61 -20.71
CA THR B 38 -16.00 -6.70 -19.40
C THR B 38 -14.76 -5.81 -19.36
N GLN B 39 -14.55 -5.10 -18.24
CA GLN B 39 -13.29 -4.28 -18.09
C GLN B 39 -12.12 -5.13 -17.56
N TYR B 40 -11.03 -5.22 -18.33
CA TYR B 40 -9.85 -5.99 -17.94
C TYR B 40 -8.74 -5.01 -17.56
N ARG B 41 -7.83 -5.44 -16.70
CA ARG B 41 -6.65 -4.63 -16.34
C ARG B 41 -5.55 -4.84 -17.33
N LEU B 42 -4.69 -3.83 -17.60
CA LEU B 42 -3.63 -4.01 -18.57
C LEU B 42 -2.53 -3.02 -18.27
N PRO B 43 -1.32 -3.38 -18.65
CA PRO B 43 -0.18 -2.47 -18.44
C PRO B 43 -0.35 -1.15 -19.23
N SER B 44 0.18 -0.05 -18.68
CA SER B 44 -0.12 1.28 -19.18
C SER B 44 1.03 2.25 -18.93
N GLY B 45 2.15 1.75 -18.39
CA GLY B 45 3.31 2.63 -18.10
C GLY B 45 3.93 3.20 -19.37
N LYS B 46 4.42 4.44 -19.28
CA LYS B 46 4.93 5.14 -20.46
C LYS B 46 6.42 4.87 -20.79
N CYS B 47 7.15 4.29 -19.83
CA CYS B 47 8.55 3.93 -20.04
C CYS B 47 8.76 2.44 -20.21
N PRO B 48 9.80 2.05 -20.98
CA PRO B 48 10.22 0.65 -21.03
C PRO B 48 10.76 0.22 -19.67
N VAL B 49 10.56 -1.06 -19.31
CA VAL B 49 11.11 -1.56 -18.04
C VAL B 49 12.27 -2.47 -18.39
N PHE B 50 13.51 -1.97 -18.23
CA PHE B 50 14.63 -2.76 -18.70
C PHE B 50 14.98 -3.93 -17.79
N GLY B 51 15.11 -5.12 -18.37
CA GLY B 51 15.61 -6.27 -17.65
C GLY B 51 14.52 -7.06 -16.95
N LYS B 52 13.28 -6.58 -17.08
CA LYS B 52 12.08 -7.24 -16.48
C LYS B 52 11.53 -8.44 -17.29
N GLY B 53 11.23 -9.51 -16.56
CA GLY B 53 10.65 -10.68 -17.16
C GLY B 53 9.79 -11.32 -16.08
N ILE B 54 9.29 -12.52 -16.36
CA ILE B 54 8.48 -13.23 -15.40
C ILE B 54 9.09 -14.60 -15.14
N ILE B 55 9.23 -14.94 -13.86
CA ILE B 55 9.72 -16.25 -13.47
C ILE B 55 8.51 -17.14 -13.14
N ILE B 56 8.41 -18.28 -13.80
CA ILE B 56 7.40 -19.28 -13.46
C ILE B 56 8.02 -20.26 -12.48
N GLU B 57 7.40 -20.40 -11.31
CA GLU B 57 7.98 -21.15 -10.19
C GLU B 57 7.80 -22.67 -10.33
N ASN B 58 8.82 -23.41 -9.90
CA ASN B 58 8.86 -24.88 -10.03
C ASN B 58 8.61 -25.34 -11.47
N SER B 59 9.31 -24.71 -12.40
CA SER B 59 9.11 -24.95 -13.84
C SER B 59 10.37 -24.61 -14.62
N ASN B 60 10.50 -25.23 -15.79
CA ASN B 60 11.63 -24.99 -16.66
C ASN B 60 11.19 -24.24 -17.91
N THR B 61 9.89 -23.97 -18.00
CA THR B 61 9.33 -23.17 -19.08
C THR B 61 9.69 -21.69 -18.95
N THR B 62 10.23 -21.14 -20.03
CA THR B 62 10.51 -19.71 -20.07
C THR B 62 9.23 -18.96 -20.47
N PHE B 63 9.05 -17.77 -19.90
CA PHE B 63 7.79 -17.05 -20.06
C PHE B 63 7.55 -16.52 -21.49
N LEU B 64 8.60 -16.41 -22.29
CA LEU B 64 8.45 -16.06 -23.72
C LEU B 64 8.05 -17.22 -24.64
N THR B 65 7.95 -18.43 -24.07
CA THR B 65 7.34 -19.56 -24.75
C THR B 65 5.86 -19.21 -24.98
N PRO B 66 5.36 -19.46 -26.20
CA PRO B 66 3.92 -19.28 -26.44
C PRO B 66 3.04 -19.97 -25.38
N VAL B 67 1.93 -19.31 -25.04
CA VAL B 67 0.90 -19.96 -24.20
C VAL B 67 0.49 -21.35 -24.71
N ALA B 68 0.14 -22.23 -23.77
CA ALA B 68 -0.37 -23.56 -24.10
C ALA B 68 -1.72 -23.42 -24.81
N THR B 69 -1.83 -24.07 -25.97
CA THR B 69 -3.10 -24.15 -26.70
C THR B 69 -3.63 -25.58 -26.81
N LYS B 75 0.61 -25.52 -18.17
CA LYS B 75 1.88 -25.41 -17.45
C LYS B 75 3.09 -25.71 -18.35
N ASP B 76 2.83 -26.37 -19.48
CA ASP B 76 3.84 -26.61 -20.50
C ASP B 76 4.28 -25.33 -21.24
N GLY B 77 3.43 -24.31 -21.23
CA GLY B 77 3.63 -23.11 -22.03
C GLY B 77 4.01 -21.88 -21.23
N GLY B 78 4.27 -20.79 -21.92
CA GLY B 78 4.59 -19.51 -21.27
C GLY B 78 3.48 -18.49 -21.36
N PHE B 79 3.87 -17.27 -21.68
CA PHE B 79 2.99 -16.08 -21.65
C PHE B 79 2.76 -15.47 -23.02
N ALA B 80 3.53 -15.92 -24.02
CA ALA B 80 3.60 -15.22 -25.30
C ALA B 80 2.47 -15.61 -26.25
N PHE B 81 2.21 -14.74 -27.23
CA PHE B 81 1.23 -15.01 -28.29
C PHE B 81 1.42 -16.36 -28.95
N PRO B 82 0.31 -17.13 -29.05
CA PRO B 82 0.36 -18.37 -29.77
C PRO B 82 0.47 -18.09 -31.28
N PRO B 83 0.79 -19.13 -32.08
CA PRO B 83 0.87 -18.96 -33.55
C PRO B 83 -0.38 -18.29 -34.14
N THR B 84 -0.16 -17.25 -34.93
CA THR B 84 -1.24 -16.57 -35.64
C THR B 84 -0.91 -16.75 -37.12
N GLU B 85 -1.89 -16.54 -38.00
CA GLU B 85 -1.63 -16.58 -39.44
C GLU B 85 -2.05 -15.29 -40.14
N PRO B 86 -1.08 -14.56 -40.74
CA PRO B 86 0.33 -14.95 -40.69
C PRO B 86 0.91 -14.72 -39.30
N LEU B 87 2.10 -15.25 -39.04
CA LEU B 87 2.71 -15.18 -37.72
C LEU B 87 3.03 -13.73 -37.32
N MET B 88 2.30 -13.21 -36.34
CA MET B 88 2.56 -11.85 -35.83
C MET B 88 3.58 -11.83 -34.71
N SER B 89 3.74 -12.95 -34.02
CA SER B 89 4.69 -13.02 -32.90
C SER B 89 5.26 -14.43 -32.81
N PRO B 90 6.59 -14.55 -32.56
CA PRO B 90 7.52 -13.42 -32.47
C PRO B 90 7.79 -12.81 -33.85
N MET B 91 8.31 -11.57 -33.89
CA MET B 91 8.64 -10.95 -35.16
C MET B 91 9.95 -10.21 -34.96
N THR B 92 10.86 -10.39 -35.90
CA THR B 92 12.14 -9.67 -35.84
C THR B 92 11.98 -8.18 -36.13
N LEU B 93 12.97 -7.38 -35.71
CA LEU B 93 13.00 -5.97 -36.08
C LEU B 93 12.87 -5.73 -37.60
N ASP B 94 13.68 -6.40 -38.44
CA ASP B 94 13.58 -6.22 -39.89
C ASP B 94 12.18 -6.60 -40.42
N GLU B 95 11.65 -7.72 -39.90
CA GLU B 95 10.29 -8.15 -40.30
C GLU B 95 9.23 -7.08 -40.00
N MET B 96 9.32 -6.49 -38.81
CA MET B 96 8.44 -5.40 -38.36
C MET B 96 8.52 -4.17 -39.26
N ARG B 97 9.75 -3.73 -39.56
CA ARG B 97 9.93 -2.60 -40.47
C ARG B 97 9.40 -2.89 -41.87
N HIS B 98 9.57 -4.13 -42.37
CA HIS B 98 9.03 -4.50 -43.67
C HIS B 98 7.50 -4.58 -43.61
N PHE B 99 6.97 -5.16 -42.53
CA PHE B 99 5.52 -5.29 -42.35
C PHE B 99 4.81 -3.93 -42.44
N TYR B 100 5.42 -2.92 -41.84
CA TYR B 100 4.87 -1.55 -41.73
C TYR B 100 5.45 -0.55 -42.74
N LYS B 101 6.00 -1.06 -43.85
CA LYS B 101 6.66 -0.24 -44.88
C LYS B 101 5.78 0.87 -45.42
N ASP B 102 4.47 0.62 -45.47
CA ASP B 102 3.55 1.60 -46.02
C ASP B 102 3.05 2.60 -44.97
N ASN B 103 3.57 2.50 -43.75
CA ASN B 103 3.20 3.43 -42.70
C ASN B 103 4.34 4.35 -42.28
N LYS B 104 4.32 5.56 -42.84
CA LYS B 104 5.31 6.62 -42.61
C LYS B 104 5.60 6.89 -41.13
N TYR B 105 4.54 6.90 -40.33
CA TYR B 105 4.64 7.22 -38.90
C TYR B 105 5.02 6.02 -38.03
N VAL B 106 5.01 4.81 -38.59
CA VAL B 106 5.39 3.60 -37.84
C VAL B 106 6.74 2.96 -38.23
N LYS B 107 6.99 2.84 -39.54
CA LYS B 107 8.17 2.11 -40.05
C LYS B 107 9.55 2.56 -39.52
N ASN B 108 9.69 3.83 -39.12
CA ASN B 108 10.95 4.37 -38.60
C ASN B 108 11.02 4.60 -37.07
N LEU B 109 10.01 4.12 -36.32
CA LEU B 109 10.07 4.27 -34.86
C LEU B 109 11.26 3.51 -34.32
N ASP B 110 11.81 3.92 -33.18
CA ASP B 110 12.88 3.13 -32.57
C ASP B 110 12.40 1.71 -32.23
N GLU B 111 13.34 0.78 -32.26
CA GLU B 111 13.13 -0.64 -31.88
C GLU B 111 11.99 -0.91 -30.87
N LEU B 112 12.12 -0.33 -29.68
CA LEU B 112 11.21 -0.64 -28.56
C LEU B 112 9.82 -0.08 -28.77
N THR B 113 9.75 1.15 -29.25
CA THR B 113 8.46 1.79 -29.56
C THR B 113 7.74 1.03 -30.66
N LEU B 114 8.48 0.64 -31.70
CA LEU B 114 7.90 -0.19 -32.77
C LEU B 114 7.32 -1.50 -32.25
N CYS B 115 8.10 -2.21 -31.43
CA CYS B 115 7.56 -3.40 -30.75
C CYS B 115 6.24 -3.13 -29.97
N SER B 116 6.22 -2.08 -29.15
CA SER B 116 4.98 -1.67 -28.48
C SER B 116 3.81 -1.39 -29.44
N ARG B 117 4.06 -0.65 -30.51
CA ARG B 117 2.98 -0.36 -31.49
C ARG B 117 2.51 -1.59 -32.24
N HIS B 118 3.46 -2.47 -32.57
CA HIS B 118 3.17 -3.75 -33.22
C HIS B 118 2.22 -4.64 -32.37
N ALA B 119 2.58 -4.83 -31.10
CA ALA B 119 1.72 -5.51 -30.13
C ALA B 119 0.35 -4.84 -30.06
N GLY B 120 0.38 -3.50 -30.09
CA GLY B 120 -0.84 -2.69 -30.02
C GLY B 120 -1.78 -2.81 -31.21
N ASN B 121 -1.32 -3.41 -32.32
CA ASN B 121 -2.19 -3.65 -33.49
C ASN B 121 -2.99 -4.96 -33.47
N MET B 122 -2.69 -5.82 -32.49
CA MET B 122 -3.36 -7.11 -32.33
C MET B 122 -4.70 -6.85 -31.69
N ILE B 123 -5.78 -7.11 -32.43
CA ILE B 123 -7.13 -6.97 -31.90
C ILE B 123 -7.40 -8.08 -30.88
N PRO B 124 -7.89 -7.74 -29.66
CA PRO B 124 -8.22 -8.80 -28.70
C PRO B 124 -9.60 -9.40 -29.00
N ASP B 125 -9.64 -10.72 -29.16
CA ASP B 125 -10.94 -11.45 -29.11
C ASP B 125 -11.95 -11.00 -30.15
N ASN B 126 -11.45 -10.61 -31.33
CA ASN B 126 -12.30 -10.11 -32.43
C ASN B 126 -13.23 -8.96 -32.04
N ASP B 127 -12.81 -8.20 -31.03
CA ASP B 127 -13.54 -7.04 -30.59
C ASP B 127 -12.95 -5.80 -31.29
N LYS B 128 -13.53 -5.44 -32.44
CA LYS B 128 -12.93 -4.36 -33.25
C LYS B 128 -13.04 -2.96 -32.65
N ASN B 129 -13.89 -2.83 -31.63
CA ASN B 129 -14.16 -1.60 -30.87
C ASN B 129 -13.19 -1.35 -29.70
N SER B 130 -12.43 -2.38 -29.31
CA SER B 130 -11.74 -2.37 -28.04
C SER B 130 -10.45 -1.52 -28.04
N ASN B 131 -10.23 -0.80 -26.94
CA ASN B 131 -8.97 -0.09 -26.71
C ASN B 131 -7.93 -0.96 -26.00
N TYR B 132 -8.30 -2.19 -25.67
CA TYR B 132 -7.37 -3.11 -24.96
C TYR B 132 -6.20 -3.48 -25.89
N LYS B 133 -4.97 -3.35 -25.40
CA LYS B 133 -3.80 -3.64 -26.24
C LYS B 133 -2.80 -4.48 -25.46
N TYR B 134 -2.33 -5.56 -26.07
CA TYR B 134 -1.45 -6.49 -25.39
C TYR B 134 -0.08 -5.85 -25.16
N PRO B 135 0.56 -6.16 -24.03
CA PRO B 135 1.95 -5.71 -23.81
C PRO B 135 2.91 -6.63 -24.59
N ALA B 136 4.22 -6.32 -24.52
CA ALA B 136 5.18 -7.07 -25.26
C ALA B 136 6.52 -7.06 -24.53
N VAL B 137 7.39 -7.98 -24.93
CA VAL B 137 8.79 -8.00 -24.52
C VAL B 137 9.67 -7.94 -25.77
N TYR B 138 10.64 -7.02 -25.75
CA TYR B 138 11.60 -6.95 -26.83
C TYR B 138 12.90 -7.56 -26.33
N ASP B 139 13.47 -8.44 -27.14
CA ASP B 139 14.79 -9.04 -26.89
C ASP B 139 15.81 -8.31 -27.76
N ASP B 140 16.68 -7.55 -27.12
CA ASP B 140 17.68 -6.72 -27.81
C ASP B 140 18.83 -7.52 -28.40
N LYS B 141 19.03 -8.73 -27.88
CA LYS B 141 20.12 -9.56 -28.43
C LYS B 141 19.67 -10.20 -29.74
N ASP B 142 18.48 -10.79 -29.70
CA ASP B 142 17.86 -11.45 -30.84
C ASP B 142 17.20 -10.47 -31.83
N LYS B 143 16.95 -9.22 -31.42
CA LYS B 143 16.19 -8.24 -32.23
C LYS B 143 14.82 -8.81 -32.62
N LYS B 144 14.15 -9.34 -31.60
CA LYS B 144 12.86 -10.01 -31.71
C LYS B 144 11.82 -9.36 -30.79
N CYS B 145 10.67 -9.09 -31.37
CA CYS B 145 9.52 -8.62 -30.59
C CYS B 145 8.58 -9.80 -30.27
N HIS B 146 8.34 -10.02 -28.97
CA HIS B 146 7.39 -11.04 -28.48
C HIS B 146 6.16 -10.39 -27.86
N ILE B 147 5.02 -10.57 -28.52
CA ILE B 147 3.73 -10.12 -27.97
C ILE B 147 3.25 -11.06 -26.84
N LEU B 148 2.82 -10.49 -25.74
CA LEU B 148 2.33 -11.29 -24.63
C LEU B 148 0.80 -11.46 -24.69
N TYR B 149 0.36 -12.71 -24.74
CA TYR B 149 -1.07 -13.00 -24.65
C TYR B 149 -1.58 -12.81 -23.22
N ILE B 150 -0.72 -13.15 -22.26
CA ILE B 150 -1.10 -13.03 -20.85
C ILE B 150 -0.51 -11.74 -20.30
N ALA B 151 -1.38 -10.83 -19.84
CA ALA B 151 -0.86 -9.56 -19.25
C ALA B 151 -0.70 -9.59 -17.74
N ALA B 152 -1.14 -10.68 -17.09
CA ALA B 152 -0.85 -10.90 -15.70
C ALA B 152 0.66 -10.94 -15.51
N GLN B 153 1.13 -10.45 -14.38
CA GLN B 153 2.57 -10.43 -14.06
C GLN B 153 2.92 -11.12 -12.74
N GLU B 154 1.92 -11.29 -11.86
CA GLU B 154 2.15 -11.96 -10.59
C GLU B 154 0.91 -12.78 -10.22
N ASN B 155 1.13 -14.03 -9.89
CA ASN B 155 0.10 -14.91 -9.31
C ASN B 155 0.84 -15.79 -8.34
N ASN B 156 0.82 -15.36 -7.08
CA ASN B 156 1.67 -15.93 -6.03
C ASN B 156 0.88 -16.15 -4.76
N MET B 171 -2.52 -24.79 -11.69
CA MET B 171 -2.38 -23.64 -12.58
C MET B 171 -1.31 -22.65 -12.08
N PHE B 172 -0.17 -22.63 -12.79
CA PHE B 172 0.74 -21.49 -12.86
C PHE B 172 0.98 -20.55 -11.66
N CYS B 173 2.06 -20.74 -10.90
CA CYS B 173 2.49 -19.67 -10.01
C CYS B 173 3.70 -18.96 -10.57
N PHE B 174 3.70 -17.63 -10.48
CA PHE B 174 4.71 -16.81 -11.14
C PHE B 174 4.86 -15.42 -10.53
N ARG B 175 6.00 -14.78 -10.83
CA ARG B 175 6.34 -13.48 -10.24
C ARG B 175 7.26 -12.73 -11.20
N PRO B 176 7.17 -11.38 -11.21
CA PRO B 176 8.07 -10.58 -12.06
C PRO B 176 9.41 -10.43 -11.36
N ALA B 177 10.47 -10.31 -12.16
CA ALA B 177 11.82 -10.25 -11.58
C ALA B 177 12.80 -9.73 -12.59
N LYS B 178 13.89 -9.17 -12.10
CA LYS B 178 15.08 -8.99 -12.94
C LYS B 178 15.95 -10.17 -12.62
N ASP B 179 16.39 -10.84 -13.68
CA ASP B 179 17.18 -12.05 -13.57
C ASP B 179 18.25 -11.88 -14.63
N ILE B 180 19.43 -12.44 -14.37
CA ILE B 180 20.54 -12.31 -15.30
C ILE B 180 20.12 -12.75 -16.73
N SER B 181 19.26 -13.77 -16.82
CA SER B 181 18.76 -14.27 -18.11
C SER B 181 17.80 -13.29 -18.82
N PHE B 182 17.30 -12.28 -18.08
CA PHE B 182 16.40 -11.26 -18.63
C PHE B 182 17.10 -9.94 -18.99
N GLN B 183 18.42 -9.84 -18.76
CA GLN B 183 19.11 -8.57 -18.97
C GLN B 183 18.94 -7.92 -20.36
N ASN B 184 18.68 -8.70 -21.40
CA ASN B 184 18.49 -8.10 -22.75
C ASN B 184 17.02 -7.87 -23.12
N TYR B 185 16.14 -8.23 -22.18
CA TYR B 185 14.71 -8.09 -22.33
C TYR B 185 14.23 -6.74 -21.82
N THR B 186 13.19 -6.24 -22.46
CA THR B 186 12.55 -5.01 -22.05
C THR B 186 11.05 -5.24 -22.11
N TYR B 187 10.40 -4.96 -20.98
CA TYR B 187 8.93 -5.21 -20.83
C TYR B 187 8.25 -3.91 -21.25
N LEU B 188 7.33 -4.01 -22.20
CA LEU B 188 6.75 -2.84 -22.90
C LEU B 188 5.22 -2.86 -22.83
N SER B 189 4.66 -1.87 -22.15
CA SER B 189 3.22 -1.62 -22.23
C SER B 189 2.81 -1.03 -23.60
N LYS B 190 1.49 -1.06 -23.89
CA LYS B 190 0.92 -0.36 -25.06
C LYS B 190 1.24 1.15 -25.11
N ASN B 191 1.61 1.73 -23.96
CA ASN B 191 1.71 3.17 -23.86
C ASN B 191 3.14 3.72 -23.97
N VAL B 192 4.11 2.84 -24.22
CA VAL B 192 5.54 3.31 -24.31
C VAL B 192 5.65 4.45 -25.32
N VAL B 193 6.28 5.55 -24.89
CA VAL B 193 6.32 6.77 -25.68
C VAL B 193 7.48 6.72 -26.70
N ASP B 194 7.33 7.39 -27.82
CA ASP B 194 8.32 7.22 -28.88
C ASP B 194 9.67 7.87 -28.62
N ASN B 195 9.69 8.78 -27.66
CA ASN B 195 10.93 9.48 -27.31
C ASN B 195 11.43 9.03 -25.95
N TRP B 196 11.09 7.79 -25.57
CA TRP B 196 11.47 7.28 -24.26
C TRP B 196 12.95 7.51 -23.92
N GLU B 197 13.83 7.53 -24.92
CA GLU B 197 15.24 7.67 -24.59
C GLU B 197 15.54 9.07 -24.06
N LYS B 198 14.77 10.06 -24.50
CA LYS B 198 14.90 11.43 -23.96
C LYS B 198 14.30 11.56 -22.55
N VAL B 199 13.15 10.90 -22.32
CA VAL B 199 12.33 11.15 -21.14
C VAL B 199 12.26 10.06 -20.04
N CYS B 200 12.85 8.88 -20.29
CA CYS B 200 12.80 7.77 -19.32
C CYS B 200 14.20 7.31 -18.91
N PRO B 201 14.34 6.70 -17.71
CA PRO B 201 15.62 6.09 -17.33
C PRO B 201 16.01 4.92 -18.22
N ARG B 202 17.32 4.73 -18.40
CA ARG B 202 17.81 3.46 -18.94
C ARG B 202 19.12 3.10 -18.27
N LYS B 203 20.16 3.89 -18.51
CA LYS B 203 21.47 3.61 -17.90
C LYS B 203 21.52 4.04 -16.44
N ASN B 204 22.36 3.34 -15.68
CA ASN B 204 22.66 3.73 -14.32
C ASN B 204 23.75 4.80 -14.34
N LEU B 205 23.77 5.67 -13.35
CA LEU B 205 24.66 6.83 -13.39
C LEU B 205 25.85 6.52 -12.51
N GLN B 206 27.01 6.29 -13.14
CA GLN B 206 28.22 6.07 -12.36
C GLN B 206 28.69 7.31 -11.69
N ASN B 207 29.29 7.13 -10.52
CA ASN B 207 29.93 8.20 -9.80
C ASN B 207 28.96 9.34 -9.48
N ALA B 208 27.70 8.97 -9.23
CA ALA B 208 26.65 9.91 -8.94
C ALA B 208 25.73 9.32 -7.88
N LYS B 209 25.29 10.16 -6.95
CA LYS B 209 24.31 9.76 -5.94
C LYS B 209 23.07 10.63 -6.10
N PHE B 210 21.86 10.02 -6.11
CA PHE B 210 20.65 10.83 -6.12
C PHE B 210 20.55 11.71 -4.89
N GLY B 211 20.08 12.95 -5.09
CA GLY B 211 19.83 13.84 -3.97
C GLY B 211 18.55 14.65 -4.09
N LEU B 212 18.37 15.59 -3.16
CA LEU B 212 17.25 16.54 -3.18
C LEU B 212 17.79 17.96 -3.25
N TRP B 213 17.32 18.74 -4.22
CA TRP B 213 17.76 20.13 -4.35
C TRP B 213 17.11 21.01 -3.29
N VAL B 214 17.94 21.52 -2.39
CA VAL B 214 17.51 22.39 -1.30
C VAL B 214 18.43 23.59 -1.26
N ASP B 215 17.83 24.78 -1.39
CA ASP B 215 18.51 26.07 -1.27
C ASP B 215 19.90 26.12 -1.93
N GLY B 216 19.95 25.88 -3.23
CA GLY B 216 21.20 26.05 -3.98
C GLY B 216 22.23 24.94 -3.86
N ASN B 217 21.87 23.82 -3.21
CA ASN B 217 22.73 22.63 -3.23
C ASN B 217 21.99 21.29 -3.16
N CYS B 218 22.69 20.25 -3.62
CA CYS B 218 22.18 18.89 -3.62
C CYS B 218 22.46 18.25 -2.26
N GLU B 219 21.40 18.01 -1.50
CA GLU B 219 21.47 17.44 -0.16
C GLU B 219 21.14 15.94 -0.23
N ASP B 220 21.51 15.18 0.79
CA ASP B 220 21.18 13.76 0.81
C ASP B 220 19.67 13.57 0.94
N ILE B 221 19.17 12.51 0.33
CA ILE B 221 17.80 12.08 0.58
C ILE B 221 17.73 11.75 2.07
N PRO B 222 16.78 12.38 2.80
CA PRO B 222 16.66 12.31 4.24
C PRO B 222 16.39 10.91 4.77
N HIS B 223 15.51 10.18 4.12
CA HIS B 223 15.11 8.87 4.59
C HIS B 223 15.45 7.80 3.59
N VAL B 224 16.45 6.97 3.94
CA VAL B 224 16.73 5.80 3.10
C VAL B 224 16.87 4.54 3.96
N ASN B 225 16.59 3.40 3.33
CA ASN B 225 16.72 2.08 3.92
C ASN B 225 17.85 1.39 3.21
N GLU B 226 18.72 0.73 3.97
CA GLU B 226 19.96 0.20 3.43
C GLU B 226 20.01 -1.33 3.48
N PHE B 227 20.44 -1.94 2.38
CA PHE B 227 20.58 -3.40 2.25
C PHE B 227 21.93 -3.86 1.69
N PRO B 228 22.42 -5.05 2.12
CA PRO B 228 23.60 -5.61 1.44
C PRO B 228 23.29 -6.01 -0.01
N ALA B 229 24.21 -5.69 -0.92
CA ALA B 229 24.06 -6.02 -2.34
C ALA B 229 25.46 -6.21 -2.92
N ILE B 230 25.78 -7.40 -3.41
CA ILE B 230 27.17 -7.72 -3.84
C ILE B 230 27.63 -6.93 -5.07
N ASP B 231 26.69 -6.58 -5.94
CA ASP B 231 26.98 -5.74 -7.12
C ASP B 231 25.80 -4.87 -7.47
N LEU B 232 25.97 -4.06 -8.51
CA LEU B 232 24.88 -3.20 -9.00
C LEU B 232 23.65 -4.02 -9.42
N PHE B 233 23.87 -5.11 -10.16
CA PHE B 233 22.74 -5.97 -10.53
C PHE B 233 21.83 -6.29 -9.34
N GLU B 234 22.41 -6.72 -8.22
CA GLU B 234 21.68 -7.11 -7.03
C GLU B 234 20.90 -5.94 -6.41
N CYS B 235 21.50 -4.75 -6.43
CA CYS B 235 20.82 -3.52 -6.00
C CYS B 235 19.63 -3.19 -6.92
N ASN B 236 19.84 -3.23 -8.22
CA ASN B 236 18.75 -2.96 -9.15
C ASN B 236 17.59 -3.96 -8.98
N LYS B 237 17.96 -5.23 -8.75
CA LYS B 237 17.01 -6.29 -8.46
C LYS B 237 16.12 -6.00 -7.25
N LEU B 238 16.73 -5.53 -6.17
CA LEU B 238 16.02 -5.20 -4.92
C LEU B 238 15.07 -4.03 -5.08
N VAL B 239 15.57 -2.98 -5.73
CA VAL B 239 14.79 -1.79 -5.99
C VAL B 239 13.57 -2.19 -6.81
N PHE B 240 13.81 -3.01 -7.83
CA PHE B 240 12.70 -3.52 -8.63
C PHE B 240 11.64 -4.25 -7.78
N GLU B 241 12.10 -5.19 -6.96
CA GLU B 241 11.21 -5.93 -6.03
C GLU B 241 10.33 -5.02 -5.17
N LEU B 242 10.90 -3.90 -4.72
CA LEU B 242 10.21 -2.95 -3.83
C LEU B 242 9.47 -1.80 -4.51
N SER B 243 9.56 -1.72 -5.84
CA SER B 243 9.08 -0.61 -6.66
C SER B 243 7.53 -0.57 -6.81
N ALA B 244 7.05 0.53 -7.36
CA ALA B 244 5.58 0.74 -7.59
C ALA B 244 4.97 -0.57 -8.08
N SER B 245 3.83 -0.96 -7.50
CA SER B 245 3.16 -2.20 -7.89
C SER B 245 1.63 -1.99 -7.95
N ASP B 246 1.03 -2.49 -9.01
CA ASP B 246 -0.44 -2.36 -9.20
C ASP B 246 -1.12 -3.69 -8.90
N GLN B 247 -0.38 -4.59 -8.25
CA GLN B 247 -0.91 -5.86 -7.81
C GLN B 247 -1.93 -5.65 -6.66
N PRO B 248 -3.07 -6.41 -6.65
CA PRO B 248 -4.03 -6.32 -5.57
C PRO B 248 -3.44 -6.60 -4.18
N LYS B 249 -3.92 -5.86 -3.18
CA LYS B 249 -3.51 -6.07 -1.79
C LYS B 249 -4.47 -6.92 -0.98
N GLN B 250 -5.75 -6.80 -1.27
CA GLN B 250 -6.80 -7.59 -0.65
C GLN B 250 -7.36 -8.50 -1.74
N TYR B 251 -7.71 -9.73 -1.34
CA TYR B 251 -8.03 -10.81 -2.28
C TYR B 251 -8.44 -12.05 -1.50
N GLU B 252 -9.34 -12.85 -2.08
CA GLU B 252 -9.87 -14.05 -1.41
C GLU B 252 -8.82 -15.15 -1.19
N GLN B 253 -9.18 -16.20 -0.46
CA GLN B 253 -8.24 -17.29 -0.20
C GLN B 253 -7.95 -18.20 -1.40
N HIS B 254 -8.94 -18.42 -2.26
CA HIS B 254 -8.73 -19.24 -3.47
C HIS B 254 -8.78 -18.38 -4.70
N LEU B 255 -8.19 -18.88 -5.78
CA LEU B 255 -8.33 -18.19 -7.05
C LEU B 255 -9.81 -18.18 -7.44
N THR B 256 -10.26 -17.02 -7.89
CA THR B 256 -11.63 -16.84 -8.36
C THR B 256 -11.50 -16.04 -9.65
N ASP B 257 -12.54 -16.06 -10.48
CA ASP B 257 -12.55 -15.27 -11.71
C ASP B 257 -12.36 -13.78 -11.42
N TYR B 258 -12.94 -13.32 -10.32
CA TYR B 258 -12.77 -11.94 -9.93
C TYR B 258 -11.28 -11.68 -9.61
N GLU B 259 -10.67 -12.57 -8.84
CA GLU B 259 -9.22 -12.41 -8.51
C GLU B 259 -8.34 -12.47 -9.76
N LYS B 260 -8.67 -13.35 -10.70
CA LYS B 260 -7.93 -13.46 -11.95
C LYS B 260 -7.93 -12.16 -12.72
N ILE B 261 -9.11 -11.54 -12.86
CA ILE B 261 -9.20 -10.26 -13.56
C ILE B 261 -8.37 -9.18 -12.83
N LYS B 262 -8.44 -9.19 -11.51
CA LYS B 262 -7.68 -8.20 -10.71
C LYS B 262 -6.16 -8.37 -10.86
N GLU B 263 -5.74 -9.57 -11.21
CA GLU B 263 -4.34 -9.90 -11.51
C GLU B 263 -3.93 -9.64 -12.97
N GLY B 264 -4.90 -9.34 -13.84
CA GLY B 264 -4.59 -8.97 -15.21
C GLY B 264 -4.86 -10.07 -16.20
N PHE B 265 -5.51 -11.17 -15.76
CA PHE B 265 -5.90 -12.25 -16.69
C PHE B 265 -7.13 -11.83 -17.49
N LYS B 266 -7.28 -12.38 -18.68
CA LYS B 266 -8.41 -12.07 -19.57
C LYS B 266 -9.14 -13.32 -20.02
N ASN B 267 -8.40 -14.40 -20.25
CA ASN B 267 -8.98 -15.65 -20.82
C ASN B 267 -8.67 -16.89 -19.99
N LYS B 268 -9.62 -17.83 -19.97
CA LYS B 268 -9.42 -19.13 -19.35
C LYS B 268 -9.79 -20.18 -20.41
N ASN B 269 -9.77 -21.46 -20.06
CA ASN B 269 -9.91 -22.50 -21.11
C ASN B 269 -11.08 -22.22 -22.08
N ALA B 270 -10.76 -21.55 -23.19
CA ALA B 270 -11.70 -21.24 -24.30
C ALA B 270 -12.98 -20.42 -23.96
N SER B 271 -12.82 -19.35 -23.15
CA SER B 271 -13.87 -18.30 -22.97
C SER B 271 -13.25 -17.06 -22.29
N MET B 272 -13.95 -15.93 -22.29
CA MET B 272 -13.40 -14.75 -21.58
C MET B 272 -13.68 -14.98 -20.11
N ILE B 273 -12.87 -14.38 -19.25
CA ILE B 273 -13.16 -14.35 -17.81
C ILE B 273 -14.19 -13.26 -17.53
N LYS B 274 -15.24 -13.62 -16.79
CA LYS B 274 -16.30 -12.68 -16.42
C LYS B 274 -16.56 -12.78 -14.91
N SER B 275 -17.12 -11.71 -14.35
CA SER B 275 -17.42 -11.66 -12.92
C SER B 275 -18.50 -10.62 -12.63
N ALA B 276 -19.57 -11.06 -11.98
CA ALA B 276 -20.67 -10.19 -11.53
C ALA B 276 -20.18 -9.16 -10.50
N PHE B 277 -19.01 -9.44 -9.91
CA PHE B 277 -18.48 -8.63 -8.80
C PHE B 277 -17.74 -7.34 -9.21
N LEU B 278 -17.45 -7.18 -10.50
CA LEU B 278 -16.75 -5.97 -11.00
C LEU B 278 -17.76 -4.81 -11.06
N PRO B 279 -17.40 -3.62 -10.52
CA PRO B 279 -18.39 -2.52 -10.51
C PRO B 279 -18.63 -1.91 -11.90
N ASP B 286 -10.34 1.85 -8.45
CA ASP B 286 -9.08 2.47 -8.85
C ASP B 286 -7.99 2.26 -7.79
N ARG B 287 -8.37 1.68 -6.66
CA ARG B 287 -7.54 1.45 -5.46
C ARG B 287 -6.17 0.78 -5.67
N TYR B 288 -6.13 -0.19 -6.58
CA TYR B 288 -4.94 -0.98 -6.79
C TYR B 288 -3.90 -0.27 -7.63
N LYS B 289 -4.21 0.90 -8.19
CA LYS B 289 -3.24 1.54 -9.09
C LYS B 289 -2.26 2.43 -8.32
N SER B 290 -0.97 2.16 -8.51
CA SER B 290 0.10 2.93 -7.85
C SER B 290 0.30 4.31 -8.49
N HIS B 291 0.00 4.39 -9.78
CA HIS B 291 0.25 5.58 -10.59
C HIS B 291 1.75 5.96 -10.54
N GLY B 292 2.61 4.97 -10.30
CA GLY B 292 4.07 5.22 -10.30
C GLY B 292 4.67 5.43 -8.92
N LYS B 293 3.82 5.46 -7.90
CA LYS B 293 4.27 5.72 -6.51
C LYS B 293 4.91 4.49 -5.92
N GLY B 294 6.15 4.62 -5.44
CA GLY B 294 6.76 3.52 -4.71
C GLY B 294 8.24 3.70 -4.46
N TYR B 295 8.89 2.63 -4.02
CA TYR B 295 10.33 2.65 -3.72
C TYR B 295 11.10 2.37 -5.02
N ASN B 296 11.19 3.40 -5.87
CA ASN B 296 11.57 3.21 -7.26
C ASN B 296 13.04 3.54 -7.53
N TRP B 297 13.69 4.13 -6.54
CA TRP B 297 15.08 4.67 -6.74
C TRP B 297 16.02 4.03 -5.80
N GLY B 298 17.31 3.98 -6.16
CA GLY B 298 18.33 3.41 -5.29
C GLY B 298 19.68 4.10 -5.53
N ASN B 299 20.46 4.24 -4.45
CA ASN B 299 21.87 4.69 -4.53
C ASN B 299 22.70 3.50 -4.10
N TYR B 300 23.46 2.95 -5.03
CA TYR B 300 24.34 1.83 -4.72
C TYR B 300 25.75 2.29 -4.38
N ASN B 301 26.16 2.02 -3.15
CA ASN B 301 27.54 2.29 -2.73
C ASN B 301 28.41 1.10 -3.14
N THR B 302 29.18 1.27 -4.20
CA THR B 302 30.04 0.20 -4.69
C THR B 302 31.13 -0.21 -3.70
N GLU B 303 31.54 0.71 -2.81
CA GLU B 303 32.66 0.48 -1.92
C GLU B 303 32.26 -0.32 -0.70
N THR B 304 31.06 -0.03 -0.16
CA THR B 304 30.53 -0.73 1.02
C THR B 304 29.52 -1.83 0.64
N GLN B 305 29.16 -1.89 -0.64
CA GLN B 305 28.24 -2.90 -1.19
C GLN B 305 26.90 -2.85 -0.44
N LYS B 306 26.38 -1.62 -0.35
CA LYS B 306 25.09 -1.35 0.27
C LYS B 306 24.20 -0.63 -0.73
N CYS B 307 22.94 -1.09 -0.83
CA CYS B 307 21.94 -0.52 -1.71
C CYS B 307 21.02 0.38 -0.86
N GLU B 308 20.94 1.67 -1.19
CA GLU B 308 20.20 2.66 -0.40
C GLU B 308 18.89 3.03 -1.14
N ILE B 309 17.76 2.64 -0.57
CA ILE B 309 16.49 2.62 -1.36
C ILE B 309 15.48 3.61 -0.78
N PHE B 310 14.77 4.36 -1.64
CA PHE B 310 13.88 5.43 -1.16
C PHE B 310 12.69 5.60 -2.09
N ASN B 311 11.70 6.36 -1.61
CA ASN B 311 10.43 6.49 -2.32
C ASN B 311 10.02 7.95 -2.63
N VAL B 312 10.98 8.88 -2.55
CA VAL B 312 10.74 10.27 -2.99
C VAL B 312 11.55 10.50 -4.27
N LYS B 313 11.00 11.25 -5.22
CA LYS B 313 11.72 11.51 -6.46
C LYS B 313 12.93 12.38 -6.15
N PRO B 314 14.06 11.98 -6.72
CA PRO B 314 15.29 12.80 -6.57
C PRO B 314 15.21 14.01 -7.49
N THR B 315 15.88 15.11 -7.11
CA THR B 315 15.80 16.35 -7.88
C THR B 315 17.16 16.96 -8.21
N CYS B 316 18.21 16.23 -7.86
CA CYS B 316 19.58 16.54 -8.26
C CYS B 316 20.47 15.30 -8.10
N LEU B 317 21.71 15.44 -8.58
CA LEU B 317 22.80 14.48 -8.33
C LEU B 317 23.91 15.09 -7.47
N ILE B 318 24.50 14.24 -6.64
CA ILE B 318 25.68 14.56 -5.84
C ILE B 318 26.87 13.87 -6.47
N ASN B 319 27.92 14.64 -6.74
CA ASN B 319 29.20 14.12 -7.19
C ASN B 319 29.88 13.31 -6.09
N ASN B 320 29.69 12.00 -6.15
CA ASN B 320 30.24 11.08 -5.15
C ASN B 320 30.71 9.84 -5.88
N SER B 321 32.02 9.65 -5.94
CA SER B 321 32.62 8.61 -6.75
C SER B 321 32.33 7.19 -6.21
N SER B 322 31.81 7.09 -4.98
CA SER B 322 31.52 5.79 -4.37
C SER B 322 30.17 5.22 -4.80
N TYR B 323 29.38 5.99 -5.54
CA TYR B 323 27.97 5.62 -5.81
C TYR B 323 27.61 5.45 -7.27
N ILE B 324 26.58 4.65 -7.49
CA ILE B 324 25.91 4.50 -8.76
C ILE B 324 24.40 4.72 -8.52
N ALA B 325 23.77 5.60 -9.29
CA ALA B 325 22.32 5.87 -9.12
C ALA B 325 21.49 5.01 -10.06
N THR B 326 20.54 4.29 -9.49
CA THR B 326 19.76 3.33 -10.24
C THR B 326 18.25 3.57 -9.99
N THR B 327 17.41 3.14 -10.94
CA THR B 327 15.97 3.06 -10.69
C THR B 327 15.45 1.71 -11.09
N ALA B 328 14.24 1.40 -10.64
CA ALA B 328 13.63 0.13 -10.97
C ALA B 328 13.39 -0.01 -12.47
N LEU B 329 13.22 1.11 -13.17
CA LEU B 329 13.08 1.12 -14.64
C LEU B 329 14.38 0.84 -15.36
N SER B 330 15.48 1.17 -14.69
CA SER B 330 16.79 1.15 -15.35
C SER B 330 17.27 -0.27 -15.65
N HIS B 331 18.14 -0.35 -16.66
CA HIS B 331 18.85 -1.57 -17.01
C HIS B 331 19.63 -2.07 -15.78
N PRO B 332 19.69 -3.40 -15.55
CA PRO B 332 20.29 -3.77 -14.28
C PRO B 332 21.83 -3.77 -14.31
N ILE B 333 22.42 -3.63 -15.49
CA ILE B 333 23.89 -3.64 -15.59
C ILE B 333 24.47 -2.38 -16.21
N GLU B 334 23.81 -1.88 -17.25
CA GLU B 334 24.38 -0.83 -18.12
C GLU B 334 24.65 0.43 -17.35
N VAL B 335 25.80 1.04 -17.67
CA VAL B 335 26.30 2.16 -16.92
C VAL B 335 26.78 3.26 -17.87
N GLU B 336 26.56 4.51 -17.48
CA GLU B 336 27.10 5.66 -18.20
C GLU B 336 27.69 6.66 -17.18
CL CL C . -23.24 -1.97 13.32
#